data_1SNU
#
_entry.id   1SNU
#
_cell.length_a   124.400
_cell.length_b   74.200
_cell.length_c   78.800
_cell.angle_alpha   90.00
_cell.angle_beta   94.00
_cell.angle_gamma   90.00
#
_symmetry.space_group_name_H-M   'C 1 2 1'
#
loop_
_entity.id
_entity.type
_entity.pdbx_description
1 polymer 'Tyrosine-protein kinase ITK/TSK'
2 non-polymer STAUROSPORINE
3 water water
#
_entity_poly.entity_id   1
_entity_poly.type   'polypeptide(L)'
_entity_poly.pdbx_seq_one_letter_code
;VIDPSELTFVQEIGSGQFGLVHLGYWLNKDKVAIKTIREGAMSEEDFIEEAEVMMKLSHPKLVQLYGVCLEQAPICLVFE
FMEHGCLSDYLRTQRGLFAAETLLGMCLDVCEGMAYLEEACVIHRDLAARNCLVGENQVIKVSDFGMTRFVLDDQYTSST
GTKFPVKWASPEVFSFSRYSSKSDVWSFGVLMWEVFSEGKIPYENRSNSEVVEDISTGFRLYKPRLASTHVYQIMNHCWK
ERPEDRPAFSRLLRQLAEIAESGL
;
_entity_poly.pdbx_strand_id   A,B
#
loop_
_chem_comp.id
_chem_comp.type
_chem_comp.name
_chem_comp.formula
STU non-polymer STAUROSPORINE 'C28 H26 N4 O3'
#
# COMPACT_ATOMS: atom_id res chain seq x y z
N VAL A 1 -10.68 3.41 41.83
CA VAL A 1 -10.73 4.87 42.08
C VAL A 1 -12.18 5.39 42.15
N ILE A 2 -12.88 5.00 43.22
CA ILE A 2 -14.26 5.38 43.41
C ILE A 2 -14.48 6.86 43.69
N ASP A 3 -15.62 7.35 43.21
CA ASP A 3 -16.00 8.75 43.33
C ASP A 3 -17.24 9.03 44.18
N PRO A 4 -17.13 9.92 45.18
CA PRO A 4 -18.35 10.19 45.95
C PRO A 4 -19.01 11.29 45.14
N SER A 5 -20.24 11.66 45.44
CA SER A 5 -20.84 12.75 44.68
C SER A 5 -20.03 14.07 44.74
N GLU A 6 -18.95 14.13 43.93
CA GLU A 6 -18.05 15.28 43.78
C GLU A 6 -18.29 15.76 42.35
N LEU A 7 -19.39 15.26 41.79
CA LEU A 7 -19.80 15.57 40.44
C LEU A 7 -20.89 16.63 40.40
N THR A 8 -20.87 17.43 39.34
CA THR A 8 -21.87 18.46 39.13
C THR A 8 -22.59 18.00 37.88
N PHE A 9 -23.90 17.79 37.98
CA PHE A 9 -24.63 17.36 36.81
C PHE A 9 -25.14 18.57 36.06
N VAL A 10 -24.60 18.77 34.87
CA VAL A 10 -24.94 19.90 34.01
C VAL A 10 -26.13 19.67 33.07
N GLN A 11 -25.92 18.81 32.07
CA GLN A 11 -26.95 18.50 31.11
C GLN A 11 -27.01 17.01 30.81
N GLU A 12 -28.08 16.65 30.11
CA GLU A 12 -28.33 15.28 29.70
C GLU A 12 -27.89 15.20 28.25
N ILE A 13 -27.05 14.22 27.92
CA ILE A 13 -26.58 14.14 26.55
C ILE A 13 -26.76 12.80 25.83
N GLY A 14 -27.73 12.01 26.28
CA GLY A 14 -27.98 10.73 25.65
C GLY A 14 -28.56 9.68 26.58
N SER A 15 -29.69 9.08 26.19
CA SER A 15 -30.36 8.07 26.99
C SER A 15 -30.53 6.68 26.37
N GLY A 16 -31.48 5.94 26.94
CA GLY A 16 -31.79 4.57 26.55
C GLY A 16 -31.75 3.85 27.90
N GLN A 17 -32.43 2.72 28.09
CA GLN A 17 -32.32 2.10 29.40
C GLN A 17 -31.04 1.31 29.60
N PHE A 18 -30.26 1.83 30.55
CA PHE A 18 -28.97 1.33 30.98
C PHE A 18 -28.34 2.63 31.43
N GLY A 19 -29.22 3.60 31.66
CA GLY A 19 -28.81 4.90 32.12
C GLY A 19 -28.88 6.06 31.15
N LEU A 20 -28.77 7.26 31.71
CA LEU A 20 -28.76 8.49 30.96
C LEU A 20 -27.29 8.89 31.00
N VAL A 21 -26.85 9.78 30.13
CA VAL A 21 -25.46 10.21 30.19
C VAL A 21 -25.51 11.71 30.41
N HIS A 22 -24.77 12.20 31.39
CA HIS A 22 -24.80 13.62 31.66
C HIS A 22 -23.48 14.31 31.41
N LEU A 23 -23.56 15.58 31.10
CA LEU A 23 -22.36 16.34 30.91
C LEU A 23 -22.16 16.80 32.35
N GLY A 24 -20.92 16.76 32.83
CA GLY A 24 -20.70 17.18 34.19
C GLY A 24 -19.28 17.61 34.45
N TYR A 25 -19.00 17.84 35.73
CA TYR A 25 -17.68 18.25 36.18
C TYR A 25 -17.36 17.59 37.49
N TRP A 26 -16.11 17.17 37.61
CA TRP A 26 -15.62 16.53 38.82
C TRP A 26 -14.62 17.50 39.43
N LEU A 27 -14.96 18.06 40.59
CA LEU A 27 -14.10 19.01 41.28
C LEU A 27 -13.93 20.28 40.46
N ASN A 28 -14.76 20.44 39.43
CA ASN A 28 -14.70 21.57 38.49
C ASN A 28 -13.52 21.38 37.54
N LYS A 29 -12.35 21.18 38.11
CA LYS A 29 -11.14 20.98 37.32
C LYS A 29 -11.34 19.99 36.16
N ASP A 30 -12.45 19.26 36.12
CA ASP A 30 -12.62 18.28 35.05
C ASP A 30 -13.98 18.03 34.43
N LYS A 31 -14.08 18.42 33.17
CA LYS A 31 -15.31 18.25 32.41
C LYS A 31 -15.41 16.78 31.99
N VAL A 32 -16.25 16.05 32.72
CA VAL A 32 -16.47 14.64 32.49
C VAL A 32 -17.81 14.30 31.85
N ALA A 33 -17.97 13.02 31.52
CA ALA A 33 -19.20 12.51 30.93
C ALA A 33 -19.60 11.43 31.89
N ILE A 34 -20.77 11.60 32.50
CA ILE A 34 -21.26 10.67 33.48
C ILE A 34 -22.39 9.80 33.00
N LYS A 35 -22.17 8.48 33.02
CA LYS A 35 -23.22 7.57 32.60
C LYS A 35 -23.86 6.92 33.81
N THR A 36 -25.12 7.24 34.06
CA THR A 36 -25.83 6.65 35.19
C THR A 36 -26.51 5.36 34.72
N ILE A 37 -27.09 4.60 35.66
CA ILE A 37 -27.72 3.33 35.38
C ILE A 37 -29.23 3.29 35.14
N ARG A 38 -30.00 3.30 36.23
CA ARG A 38 -31.46 3.27 36.20
C ARG A 38 -31.91 2.75 37.56
N GLU A 39 -32.45 1.54 37.58
CA GLU A 39 -32.91 0.97 38.84
C GLU A 39 -32.78 -0.55 38.77
N GLY A 40 -33.35 -1.13 37.73
CA GLY A 40 -33.28 -2.58 37.60
C GLY A 40 -32.68 -2.88 36.26
N ALA A 41 -31.91 -1.92 35.75
CA ALA A 41 -31.27 -2.04 34.45
C ALA A 41 -29.99 -2.88 34.42
N MET A 42 -29.34 -3.05 35.57
CA MET A 42 -28.10 -3.82 35.63
C MET A 42 -27.84 -4.35 37.03
N SER A 43 -27.42 -5.61 37.13
CA SER A 43 -27.13 -6.17 38.45
C SER A 43 -26.04 -5.28 39.01
N GLU A 44 -26.00 -5.12 40.33
CA GLU A 44 -24.97 -4.29 40.95
C GLU A 44 -23.63 -4.95 40.60
N GLU A 45 -23.66 -6.26 40.51
CA GLU A 45 -22.50 -7.08 40.18
C GLU A 45 -22.15 -6.96 38.69
N ASP A 46 -23.20 -6.95 37.90
CA ASP A 46 -23.10 -6.88 36.45
C ASP A 46 -22.35 -5.65 36.02
N PHE A 47 -22.67 -4.53 36.64
CA PHE A 47 -22.02 -3.29 36.29
C PHE A 47 -20.64 -3.22 36.95
N ILE A 48 -20.54 -3.66 38.20
CA ILE A 48 -19.27 -3.65 38.92
C ILE A 48 -18.21 -4.42 38.14
N GLU A 49 -18.57 -5.63 37.73
CA GLU A 49 -17.69 -6.50 36.97
C GLU A 49 -17.37 -5.84 35.62
N GLU A 50 -18.26 -4.96 35.17
CA GLU A 50 -18.03 -4.28 33.92
C GLU A 50 -17.12 -3.06 34.08
N ALA A 51 -17.35 -2.26 35.11
CA ALA A 51 -16.53 -1.09 35.36
C ALA A 51 -15.09 -1.49 35.61
N GLU A 52 -14.89 -2.68 36.18
CA GLU A 52 -13.54 -3.13 36.45
C GLU A 52 -12.79 -3.37 35.15
N VAL A 53 -13.31 -4.27 34.34
CA VAL A 53 -12.65 -4.58 33.08
C VAL A 53 -12.39 -3.32 32.28
N MET A 54 -13.35 -2.39 32.28
CA MET A 54 -13.16 -1.14 31.55
C MET A 54 -11.96 -0.37 32.09
N MET A 55 -11.75 -0.43 33.40
CA MET A 55 -10.61 0.26 34.00
C MET A 55 -9.31 -0.54 33.84
N LYS A 56 -9.45 -1.76 33.33
CA LYS A 56 -8.30 -2.62 33.09
C LYS A 56 -7.77 -2.39 31.66
N LEU A 57 -8.66 -1.92 30.78
CA LEU A 57 -8.30 -1.67 29.40
C LEU A 57 -7.95 -0.21 29.18
N SER A 58 -6.79 0.05 28.60
CA SER A 58 -6.39 1.42 28.35
C SER A 58 -5.50 1.57 27.14
N HIS A 59 -5.89 2.49 26.28
CA HIS A 59 -5.17 2.83 25.06
C HIS A 59 -5.57 4.28 24.73
N PRO A 60 -4.67 5.03 24.06
CA PRO A 60 -4.92 6.42 23.69
C PRO A 60 -6.13 6.60 22.74
N LYS A 61 -6.63 5.47 22.23
CA LYS A 61 -7.75 5.49 21.33
C LYS A 61 -9.04 4.96 21.96
N LEU A 62 -8.98 4.70 23.27
CA LEU A 62 -10.16 4.26 24.00
C LEU A 62 -10.47 5.42 24.95
N VAL A 63 -11.76 5.71 25.16
CA VAL A 63 -12.22 6.80 26.04
C VAL A 63 -11.85 6.49 27.48
N GLN A 64 -11.28 7.46 28.17
CA GLN A 64 -10.86 7.26 29.54
C GLN A 64 -11.93 7.46 30.60
N LEU A 65 -11.80 6.67 31.66
CA LEU A 65 -12.71 6.69 32.80
C LEU A 65 -12.01 7.39 33.98
N TYR A 66 -12.75 8.18 34.75
CA TYR A 66 -12.18 8.88 35.90
C TYR A 66 -12.39 8.04 37.16
N GLY A 67 -13.42 7.20 37.14
CA GLY A 67 -13.72 6.36 38.27
C GLY A 67 -15.18 6.00 38.28
N VAL A 68 -15.67 5.47 39.39
CA VAL A 68 -17.07 5.08 39.48
C VAL A 68 -17.70 5.64 40.73
N CYS A 69 -19.01 5.79 40.71
CA CYS A 69 -19.75 6.27 41.86
C CYS A 69 -20.68 5.15 42.32
N LEU A 70 -20.28 4.48 43.39
CA LEU A 70 -21.06 3.39 43.97
C LEU A 70 -21.51 3.87 45.33
N GLU A 71 -21.03 5.06 45.69
CA GLU A 71 -21.36 5.67 46.98
C GLU A 71 -22.83 6.10 46.92
N GLN A 72 -23.58 5.29 46.18
CA GLN A 72 -25.02 5.37 45.99
C GLN A 72 -25.70 6.44 45.15
N ALA A 73 -27.03 6.31 45.08
CA ALA A 73 -27.92 7.14 44.28
C ALA A 73 -27.72 6.44 42.93
N PRO A 74 -28.37 6.90 41.86
CA PRO A 74 -28.11 6.14 40.62
C PRO A 74 -26.59 5.95 40.41
N ILE A 75 -26.12 4.71 40.60
CA ILE A 75 -24.71 4.35 40.44
C ILE A 75 -24.23 4.84 39.09
N CYS A 76 -22.97 5.27 38.99
CA CYS A 76 -22.49 5.77 37.70
C CYS A 76 -21.02 5.61 37.33
N LEU A 77 -20.75 5.90 36.05
CA LEU A 77 -19.42 5.79 35.49
C LEU A 77 -18.97 7.15 34.98
N VAL A 78 -17.90 7.68 35.58
CA VAL A 78 -17.39 8.97 35.17
C VAL A 78 -16.32 8.83 34.06
N PHE A 79 -16.65 9.27 32.85
CA PHE A 79 -15.69 9.19 31.76
C PHE A 79 -15.12 10.59 31.54
N GLU A 80 -14.08 10.68 30.72
CA GLU A 80 -13.51 11.97 30.36
C GLU A 80 -14.47 12.49 29.28
N PHE A 81 -14.79 13.78 29.28
CA PHE A 81 -15.68 14.31 28.26
C PHE A 81 -15.00 14.40 26.90
N MET A 82 -15.67 13.86 25.89
CA MET A 82 -15.14 13.93 24.54
C MET A 82 -15.80 15.17 23.93
N GLU A 83 -15.00 16.21 23.76
CA GLU A 83 -15.45 17.48 23.25
C GLU A 83 -16.21 17.60 21.93
N HIS A 84 -16.44 16.51 21.21
CA HIS A 84 -17.15 16.65 19.94
C HIS A 84 -18.27 15.68 19.64
N GLY A 85 -18.91 15.17 20.67
CA GLY A 85 -20.01 14.23 20.45
C GLY A 85 -19.56 12.96 19.80
N CYS A 86 -20.52 12.08 19.50
CA CYS A 86 -20.18 10.82 18.86
C CYS A 86 -19.77 11.08 17.43
N LEU A 87 -19.04 10.12 16.87
CA LEU A 87 -18.53 10.20 15.52
C LEU A 87 -19.65 10.42 14.51
N SER A 88 -20.63 9.51 14.53
CA SER A 88 -21.76 9.56 13.61
C SER A 88 -22.35 10.94 13.61
N ASP A 89 -22.43 11.52 14.79
CA ASP A 89 -22.98 12.84 14.94
C ASP A 89 -22.08 13.92 14.36
N TYR A 90 -20.78 13.66 14.41
CA TYR A 90 -19.77 14.58 13.90
C TYR A 90 -19.67 14.53 12.38
N LEU A 91 -19.76 13.32 11.82
CA LEU A 91 -19.67 13.12 10.38
C LEU A 91 -20.83 13.73 9.60
N ARG A 92 -22.05 13.61 10.12
CA ARG A 92 -23.23 14.13 9.45
C ARG A 92 -23.20 15.64 9.35
N THR A 93 -23.23 16.33 10.48
CA THR A 93 -23.11 17.79 10.42
C THR A 93 -21.64 17.80 10.06
N GLN A 94 -21.14 18.83 9.39
CA GLN A 94 -19.72 18.83 9.03
C GLN A 94 -19.50 17.94 7.79
N ARG A 95 -20.57 17.59 7.09
CA ARG A 95 -20.43 16.77 5.90
C ARG A 95 -19.77 17.61 4.84
N GLY A 96 -18.97 16.96 4.01
CA GLY A 96 -18.29 17.68 2.97
C GLY A 96 -17.00 18.35 3.39
N LEU A 97 -16.91 18.83 4.63
CA LEU A 97 -15.68 19.49 5.06
C LEU A 97 -14.53 18.56 5.41
N PHE A 98 -14.69 17.25 5.20
CA PHE A 98 -13.62 16.32 5.50
C PHE A 98 -12.78 16.03 4.26
N ALA A 99 -11.50 15.78 4.49
CA ALA A 99 -10.56 15.43 3.42
C ALA A 99 -10.50 13.92 3.57
N ALA A 100 -10.36 13.21 2.46
CA ALA A 100 -10.30 11.75 2.54
C ALA A 100 -9.19 11.40 3.51
N GLU A 101 -8.09 12.14 3.43
CA GLU A 101 -6.96 11.90 4.31
C GLU A 101 -7.44 12.00 5.75
N THR A 102 -8.41 12.87 6.00
CA THR A 102 -8.96 13.01 7.36
C THR A 102 -9.87 11.84 7.71
N LEU A 103 -10.74 11.44 6.78
CA LEU A 103 -11.62 10.32 7.06
C LEU A 103 -10.81 9.04 7.36
N LEU A 104 -9.84 8.72 6.52
CA LEU A 104 -9.00 7.54 6.74
C LEU A 104 -8.36 7.65 8.12
N GLY A 105 -7.87 8.86 8.43
CA GLY A 105 -7.25 9.16 9.71
C GLY A 105 -8.13 8.66 10.84
N MET A 106 -9.42 8.95 10.71
CA MET A 106 -10.41 8.55 11.68
C MET A 106 -10.52 7.05 11.77
N CYS A 107 -10.42 6.36 10.63
CA CYS A 107 -10.53 4.90 10.66
C CYS A 107 -9.36 4.23 11.41
N LEU A 108 -8.15 4.76 11.22
CA LEU A 108 -6.95 4.25 11.90
C LEU A 108 -7.06 4.47 13.41
N ASP A 109 -7.67 5.58 13.81
CA ASP A 109 -7.84 5.81 15.22
C ASP A 109 -8.67 4.66 15.79
N VAL A 110 -9.83 4.41 15.20
CA VAL A 110 -10.69 3.32 15.66
C VAL A 110 -9.97 1.99 15.46
N CYS A 111 -9.16 1.86 14.40
CA CYS A 111 -8.47 0.60 14.17
C CYS A 111 -7.47 0.30 15.27
N GLU A 112 -6.72 1.32 15.65
CA GLU A 112 -5.72 1.22 16.68
C GLU A 112 -6.38 0.77 17.98
N GLY A 113 -7.47 1.46 18.35
CA GLY A 113 -8.22 1.11 19.54
C GLY A 113 -8.69 -0.33 19.45
N MET A 114 -9.24 -0.73 18.31
CA MET A 114 -9.69 -2.10 18.15
C MET A 114 -8.55 -3.15 18.19
N ALA A 115 -7.38 -2.88 17.57
CA ALA A 115 -6.28 -3.84 17.62
C ALA A 115 -5.89 -4.04 19.07
N TYR A 116 -6.00 -2.99 19.86
CA TYR A 116 -5.66 -3.11 21.25
C TYR A 116 -6.66 -4.00 22.00
N LEU A 117 -7.94 -3.80 21.71
CA LEU A 117 -9.02 -4.57 22.34
C LEU A 117 -8.94 -6.01 21.91
N GLU A 118 -8.61 -6.19 20.62
CA GLU A 118 -8.50 -7.51 20.03
C GLU A 118 -7.49 -8.29 20.83
N GLU A 119 -6.31 -7.72 20.98
CA GLU A 119 -5.22 -8.34 21.70
C GLU A 119 -5.62 -8.56 23.16
N ALA A 120 -6.55 -7.74 23.63
CA ALA A 120 -7.00 -7.83 25.01
C ALA A 120 -8.13 -8.84 25.15
N CYS A 121 -8.36 -9.60 24.07
CA CYS A 121 -9.37 -10.64 23.99
C CYS A 121 -10.80 -10.14 24.19
N VAL A 122 -10.96 -8.84 24.04
CA VAL A 122 -12.27 -8.22 24.19
C VAL A 122 -12.95 -8.12 22.82
N ILE A 123 -14.25 -8.36 22.82
CA ILE A 123 -15.04 -8.29 21.61
C ILE A 123 -15.98 -7.11 21.81
N HIS A 124 -16.09 -6.27 20.79
CA HIS A 124 -16.98 -5.12 20.85
C HIS A 124 -18.24 -5.56 20.09
N ARG A 125 -19.22 -6.10 20.81
CA ARG A 125 -20.43 -6.56 20.15
C ARG A 125 -21.32 -5.42 19.68
N ASP A 126 -20.72 -4.33 19.20
CA ASP A 126 -21.51 -3.18 18.73
C ASP A 126 -20.61 -2.04 18.27
N LEU A 127 -19.71 -2.34 17.34
CA LEU A 127 -18.78 -1.34 16.84
C LEU A 127 -19.36 -0.54 15.68
N ALA A 128 -19.77 0.70 15.96
CA ALA A 128 -20.32 1.59 14.95
C ALA A 128 -19.99 3.07 15.23
N ALA A 129 -20.14 3.91 14.20
CA ALA A 129 -19.86 5.33 14.34
C ALA A 129 -20.58 5.98 15.53
N ARG A 130 -21.81 5.54 15.79
CA ARG A 130 -22.63 6.05 16.89
C ARG A 130 -21.97 5.81 18.27
N ASN A 131 -21.08 4.81 18.33
CA ASN A 131 -20.38 4.49 19.56
C ASN A 131 -18.92 4.97 19.53
N CYS A 132 -18.63 5.87 18.62
CA CYS A 132 -17.27 6.42 18.52
C CYS A 132 -17.34 7.90 18.93
N LEU A 133 -16.29 8.38 19.59
CA LEU A 133 -16.31 9.77 20.02
C LEU A 133 -15.18 10.60 19.43
N VAL A 134 -15.53 11.82 19.06
CA VAL A 134 -14.57 12.76 18.52
C VAL A 134 -14.13 13.66 19.65
N GLY A 135 -12.84 13.90 19.75
CA GLY A 135 -12.42 14.76 20.83
C GLY A 135 -11.32 15.66 20.37
N GLU A 136 -10.32 15.73 21.23
CA GLU A 136 -9.12 16.52 21.07
C GLU A 136 -8.65 16.61 19.62
N ASN A 137 -9.34 17.41 18.83
CA ASN A 137 -8.99 17.61 17.42
C ASN A 137 -8.99 16.35 16.54
N GLN A 138 -10.17 16.01 16.06
CA GLN A 138 -10.38 14.86 15.19
C GLN A 138 -10.10 13.52 15.84
N VAL A 139 -9.24 13.51 16.86
CA VAL A 139 -8.90 12.29 17.59
C VAL A 139 -10.15 11.52 17.88
N ILE A 140 -10.19 10.27 17.42
CA ILE A 140 -11.33 9.38 17.60
C ILE A 140 -10.98 8.27 18.57
N LYS A 141 -11.88 8.03 19.51
CA LYS A 141 -11.72 6.96 20.49
C LYS A 141 -12.99 6.15 20.47
N VAL A 142 -12.88 4.86 20.77
CA VAL A 142 -14.06 3.99 20.79
C VAL A 142 -14.51 3.81 22.23
N SER A 143 -15.81 3.99 22.47
CA SER A 143 -16.36 3.84 23.82
C SER A 143 -17.42 2.76 23.84
N ASP A 144 -18.41 2.96 24.70
CA ASP A 144 -19.54 2.04 24.86
C ASP A 144 -19.13 0.58 24.79
N PHE A 145 -17.84 0.33 25.03
CA PHE A 145 -17.31 -1.02 25.01
C PHE A 145 -17.29 -1.54 26.45
N GLY A 146 -17.22 -2.86 26.59
CA GLY A 146 -17.18 -3.46 27.92
C GLY A 146 -18.58 -3.56 28.49
N PRO A 165 -28.67 -4.64 15.91
CA PRO A 165 -28.05 -3.87 14.81
C PRO A 165 -27.51 -4.76 13.68
N VAL A 166 -28.41 -5.49 13.04
CA VAL A 166 -28.07 -6.40 11.94
C VAL A 166 -27.38 -5.74 10.74
N LYS A 167 -27.45 -4.41 10.67
CA LYS A 167 -26.82 -3.68 9.58
C LYS A 167 -25.30 -3.72 9.73
N TRP A 168 -24.85 -3.87 10.97
CA TRP A 168 -23.43 -3.90 11.33
C TRP A 168 -22.96 -5.32 11.67
N ALA A 169 -23.84 -6.30 11.53
CA ALA A 169 -23.52 -7.66 11.89
C ALA A 169 -22.89 -8.50 10.79
N SER A 170 -22.03 -9.40 11.23
CA SER A 170 -21.38 -10.31 10.32
C SER A 170 -22.39 -11.45 10.19
N PRO A 171 -22.18 -12.38 9.23
CA PRO A 171 -23.10 -13.49 9.04
C PRO A 171 -23.23 -14.39 10.25
N GLU A 172 -22.08 -14.75 10.83
CA GLU A 172 -22.11 -15.61 12.00
C GLU A 172 -22.84 -14.95 13.19
N VAL A 173 -23.13 -13.65 13.07
CA VAL A 173 -23.89 -12.97 14.11
C VAL A 173 -25.35 -13.06 13.69
N PHE A 174 -25.65 -12.81 12.42
CA PHE A 174 -27.02 -12.91 11.89
C PHE A 174 -27.65 -14.22 12.33
N SER A 175 -27.10 -15.29 11.76
CA SER A 175 -27.56 -16.63 11.98
C SER A 175 -27.29 -17.21 13.36
N PHE A 176 -26.02 -17.34 13.71
CA PHE A 176 -25.65 -17.98 14.98
C PHE A 176 -25.36 -17.13 16.21
N SER A 177 -25.51 -15.82 16.12
CA SER A 177 -25.19 -14.98 17.27
C SER A 177 -23.81 -15.44 17.78
N ARG A 178 -22.86 -15.50 16.85
CA ARG A 178 -21.51 -15.95 17.16
C ARG A 178 -20.46 -14.85 17.03
N TYR A 179 -20.38 -13.99 18.03
CA TYR A 179 -19.41 -12.90 18.04
C TYR A 179 -18.00 -13.46 18.08
N SER A 180 -16.97 -12.63 17.96
CA SER A 180 -15.60 -13.18 17.97
C SER A 180 -14.39 -12.24 18.06
N SER A 181 -14.39 -11.19 17.23
CA SER A 181 -13.30 -10.21 17.13
C SER A 181 -13.17 -9.99 15.62
N LYS A 182 -13.69 -10.98 14.89
CA LYS A 182 -13.73 -10.96 13.44
C LYS A 182 -15.09 -10.38 13.08
N SER A 183 -16.04 -10.56 13.99
CA SER A 183 -17.38 -9.99 13.83
C SER A 183 -17.14 -8.50 13.86
N ASP A 184 -16.23 -8.09 14.76
CA ASP A 184 -15.85 -6.71 14.95
C ASP A 184 -15.32 -6.16 13.68
N VAL A 185 -14.30 -6.84 13.15
CA VAL A 185 -13.70 -6.41 11.91
C VAL A 185 -14.80 -6.15 10.88
N TRP A 186 -15.74 -7.09 10.77
CA TRP A 186 -16.85 -6.94 9.81
C TRP A 186 -17.55 -5.63 10.06
N SER A 187 -17.88 -5.43 11.33
CA SER A 187 -18.56 -4.24 11.75
C SER A 187 -17.70 -3.04 11.41
N PHE A 188 -16.41 -3.13 11.73
CA PHE A 188 -15.45 -2.07 11.47
C PHE A 188 -15.56 -1.69 9.98
N GLY A 189 -15.66 -2.71 9.12
CA GLY A 189 -15.81 -2.47 7.70
C GLY A 189 -16.97 -1.52 7.45
N VAL A 190 -18.09 -1.74 8.15
CA VAL A 190 -19.26 -0.88 8.01
C VAL A 190 -18.97 0.47 8.67
N LEU A 191 -18.29 0.46 9.82
CA LEU A 191 -17.98 1.75 10.43
C LEU A 191 -17.24 2.56 9.37
N MET A 192 -16.20 1.95 8.81
CA MET A 192 -15.40 2.58 7.77
C MET A 192 -16.29 3.16 6.70
N TRP A 193 -17.32 2.41 6.33
CA TRP A 193 -18.29 2.87 5.34
C TRP A 193 -18.99 4.13 5.82
N GLU A 194 -19.40 4.16 7.08
CA GLU A 194 -20.07 5.34 7.63
C GLU A 194 -19.12 6.53 7.62
N VAL A 195 -17.84 6.27 7.86
CA VAL A 195 -16.89 7.35 7.87
C VAL A 195 -16.81 7.94 6.49
N PHE A 196 -16.45 7.09 5.51
CA PHE A 196 -16.30 7.61 4.16
C PHE A 196 -17.56 8.14 3.51
N SER A 197 -18.71 7.63 3.94
CA SER A 197 -19.98 8.10 3.41
C SER A 197 -20.29 9.40 4.15
N GLU A 198 -19.52 9.67 5.19
CA GLU A 198 -19.68 10.85 6.03
C GLU A 198 -20.99 10.82 6.81
N GLY A 199 -21.21 9.72 7.52
CA GLY A 199 -22.40 9.57 8.33
C GLY A 199 -23.65 9.09 7.64
N LYS A 200 -23.51 8.22 6.66
CA LYS A 200 -24.69 7.74 5.98
C LYS A 200 -25.18 6.46 6.58
N ILE A 201 -26.48 6.24 6.46
CA ILE A 201 -27.08 5.04 6.98
C ILE A 201 -26.90 3.87 6.01
N PRO A 202 -26.07 2.89 6.38
CA PRO A 202 -25.81 1.71 5.56
C PRO A 202 -27.09 0.91 5.35
N TYR A 203 -27.39 0.59 4.09
CA TYR A 203 -28.59 -0.16 3.72
C TYR A 203 -29.84 0.53 4.26
N GLU A 204 -29.88 1.85 4.18
CA GLU A 204 -31.02 2.60 4.70
C GLU A 204 -32.38 2.04 4.28
N ASN A 205 -32.64 2.04 2.98
CA ASN A 205 -33.90 1.55 2.42
C ASN A 205 -33.88 0.02 2.34
N ARG A 206 -33.98 -0.65 3.49
CA ARG A 206 -33.95 -2.11 3.52
C ARG A 206 -34.35 -2.68 4.89
N SER A 207 -34.89 -3.89 4.90
CA SER A 207 -35.32 -4.53 6.14
C SER A 207 -34.28 -5.50 6.67
N ASN A 208 -34.21 -5.63 7.99
CA ASN A 208 -33.26 -6.54 8.63
C ASN A 208 -33.51 -7.94 8.07
N SER A 209 -34.77 -8.25 7.81
CA SER A 209 -35.16 -9.54 7.24
C SER A 209 -35.04 -9.43 5.72
N GLU A 210 -34.22 -8.48 5.27
CA GLU A 210 -34.04 -8.24 3.85
C GLU A 210 -32.57 -7.99 3.56
N VAL A 211 -31.91 -7.31 4.49
CA VAL A 211 -30.49 -7.01 4.36
C VAL A 211 -29.76 -8.33 4.42
N VAL A 212 -30.19 -9.18 5.35
CA VAL A 212 -29.60 -10.50 5.54
C VAL A 212 -29.64 -11.26 4.21
N GLU A 213 -30.59 -10.88 3.37
CA GLU A 213 -30.77 -11.50 2.07
C GLU A 213 -29.66 -11.06 1.14
N ASP A 214 -29.59 -9.74 0.91
CA ASP A 214 -28.59 -9.15 0.02
C ASP A 214 -27.15 -9.52 0.36
N ILE A 215 -26.82 -9.52 1.65
CA ILE A 215 -25.46 -9.86 2.07
C ILE A 215 -25.15 -11.32 1.76
N SER A 216 -26.03 -12.20 2.22
CA SER A 216 -25.89 -13.65 2.00
C SER A 216 -25.64 -14.02 0.54
N THR A 217 -26.27 -13.30 -0.39
CA THR A 217 -26.07 -13.60 -1.80
C THR A 217 -24.75 -13.03 -2.34
N GLY A 218 -24.12 -12.13 -1.57
CA GLY A 218 -22.86 -11.54 -2.02
C GLY A 218 -22.88 -10.06 -2.29
N PHE A 219 -23.98 -9.39 -1.97
CA PHE A 219 -24.09 -7.94 -2.18
C PHE A 219 -23.29 -7.27 -1.06
N ARG A 220 -22.77 -6.08 -1.33
CA ARG A 220 -22.00 -5.33 -0.34
C ARG A 220 -22.29 -3.83 -0.45
N LEU A 221 -22.03 -3.10 0.63
CA LEU A 221 -22.23 -1.66 0.67
C LEU A 221 -21.43 -1.06 -0.45
N TYR A 222 -22.05 -0.17 -1.23
CA TYR A 222 -21.37 0.44 -2.36
C TYR A 222 -20.17 1.27 -1.92
N LYS A 223 -19.26 1.54 -2.85
CA LYS A 223 -18.10 2.33 -2.48
C LYS A 223 -18.43 3.82 -2.45
N PRO A 224 -18.35 4.44 -1.26
CA PRO A 224 -18.64 5.88 -1.13
C PRO A 224 -17.61 6.68 -1.94
N ARG A 225 -18.04 7.82 -2.48
CA ARG A 225 -17.16 8.64 -3.31
C ARG A 225 -15.83 8.95 -2.66
N LEU A 226 -15.84 9.30 -1.39
CA LEU A 226 -14.59 9.63 -0.75
C LEU A 226 -13.64 8.45 -0.50
N ALA A 227 -14.14 7.21 -0.60
CA ALA A 227 -13.30 6.04 -0.38
C ALA A 227 -12.50 5.71 -1.64
N SER A 228 -11.19 5.65 -1.52
CA SER A 228 -10.36 5.31 -2.66
C SER A 228 -10.63 3.83 -2.98
N THR A 229 -10.22 3.37 -4.14
CA THR A 229 -10.46 1.97 -4.48
C THR A 229 -9.70 1.08 -3.48
N HIS A 230 -8.59 1.60 -2.98
CA HIS A 230 -7.75 0.91 -2.02
C HIS A 230 -8.41 0.82 -0.65
N VAL A 231 -9.16 1.86 -0.30
CA VAL A 231 -9.86 1.86 0.98
C VAL A 231 -11.02 0.89 0.83
N TYR A 232 -11.65 0.91 -0.34
CA TYR A 232 -12.78 0.03 -0.61
C TYR A 232 -12.34 -1.43 -0.53
N GLN A 233 -11.15 -1.74 -1.03
CA GLN A 233 -10.63 -3.12 -0.97
C GLN A 233 -10.62 -3.65 0.45
N ILE A 234 -10.22 -2.80 1.39
CA ILE A 234 -10.15 -3.19 2.79
C ILE A 234 -11.53 -3.34 3.44
N MET A 235 -12.48 -2.54 2.98
CA MET A 235 -13.83 -2.64 3.52
C MET A 235 -14.37 -3.99 3.07
N ASN A 236 -14.04 -4.38 1.85
CA ASN A 236 -14.51 -5.65 1.30
C ASN A 236 -13.79 -6.85 1.88
N HIS A 237 -12.67 -6.60 2.56
CA HIS A 237 -11.89 -7.66 3.19
C HIS A 237 -12.48 -7.90 4.56
N CYS A 238 -13.10 -6.87 5.11
CA CYS A 238 -13.75 -6.95 6.40
C CYS A 238 -15.09 -7.61 6.14
N TRP A 239 -15.58 -7.43 4.92
CA TRP A 239 -16.84 -8.01 4.58
C TRP A 239 -16.78 -9.39 3.93
N LYS A 240 -15.66 -10.11 4.08
CA LYS A 240 -15.54 -11.46 3.55
C LYS A 240 -16.57 -12.27 4.34
N GLU A 241 -17.14 -13.32 3.74
CA GLU A 241 -18.12 -14.11 4.46
C GLU A 241 -17.47 -14.91 5.59
N ARG A 242 -16.28 -15.45 5.34
CA ARG A 242 -15.58 -16.27 6.33
C ARG A 242 -14.67 -15.53 7.33
N PRO A 243 -15.01 -15.60 8.63
CA PRO A 243 -14.22 -14.94 9.67
C PRO A 243 -12.70 -15.08 9.44
N GLU A 244 -12.23 -16.32 9.27
CA GLU A 244 -10.81 -16.58 9.04
C GLU A 244 -10.29 -15.95 7.73
N ASP A 245 -11.19 -15.40 6.93
CA ASP A 245 -10.79 -14.75 5.69
C ASP A 245 -10.70 -13.25 5.90
N ARG A 246 -11.07 -12.82 7.11
CA ARG A 246 -11.00 -11.41 7.46
C ARG A 246 -9.68 -11.14 8.13
N PRO A 247 -9.13 -9.94 7.88
CA PRO A 247 -7.85 -9.47 8.43
C PRO A 247 -8.09 -9.18 9.88
N ALA A 248 -7.12 -9.51 10.72
CA ALA A 248 -7.24 -9.23 12.13
C ALA A 248 -6.98 -7.73 12.22
N PHE A 249 -7.53 -7.09 13.23
CA PHE A 249 -7.34 -5.66 13.41
C PHE A 249 -5.87 -5.25 13.35
N SER A 250 -5.01 -6.07 13.95
CA SER A 250 -3.57 -5.86 13.98
C SER A 250 -3.03 -5.81 12.55
N ARG A 251 -3.68 -6.55 11.66
CA ARG A 251 -3.29 -6.56 10.26
C ARG A 251 -3.94 -5.35 9.58
N LEU A 252 -5.21 -5.13 9.91
CA LEU A 252 -5.99 -4.02 9.40
C LEU A 252 -5.30 -2.67 9.64
N LEU A 253 -4.72 -2.51 10.83
CA LEU A 253 -4.02 -1.28 11.20
C LEU A 253 -2.86 -0.97 10.24
N ARG A 254 -2.07 -1.97 9.87
CA ARG A 254 -0.93 -1.77 8.97
C ARG A 254 -1.32 -1.56 7.52
N GLN A 255 -2.39 -2.20 7.07
CA GLN A 255 -2.83 -2.05 5.69
C GLN A 255 -3.35 -0.65 5.51
N LEU A 256 -4.03 -0.14 6.54
CA LEU A 256 -4.56 1.21 6.52
C LEU A 256 -3.42 2.23 6.68
N ALA A 257 -2.34 1.85 7.36
CA ALA A 257 -1.21 2.77 7.51
C ALA A 257 -0.53 2.97 6.17
N GLU A 258 -0.36 1.89 5.41
CA GLU A 258 0.27 1.93 4.09
C GLU A 258 -0.55 2.77 3.12
N ILE A 259 -1.85 2.48 3.06
CA ILE A 259 -2.75 3.20 2.18
C ILE A 259 -2.66 4.70 2.49
N ALA A 260 -2.90 5.05 3.76
CA ALA A 260 -2.84 6.43 4.20
C ALA A 260 -1.63 7.19 3.66
N GLU A 261 -0.49 6.52 3.55
CA GLU A 261 0.71 7.16 3.02
C GLU A 261 0.66 7.06 1.48
N SER A 262 0.00 8.07 0.90
CA SER A 262 -0.24 8.28 -0.53
C SER A 262 -1.70 8.05 -0.88
N GLY A 263 -2.00 6.87 -1.39
CA GLY A 263 -3.36 6.54 -1.75
C GLY A 263 -3.52 5.05 -1.68
N ILE B 2 40.63 8.63 -11.31
CA ILE B 2 39.71 8.15 -10.24
C ILE B 2 39.91 6.66 -10.07
N ASP B 3 39.94 6.18 -8.83
CA ASP B 3 40.06 4.75 -8.56
C ASP B 3 41.23 3.90 -9.06
N PRO B 4 42.25 3.66 -8.21
CA PRO B 4 43.43 2.85 -8.58
C PRO B 4 43.17 1.41 -8.14
N SER B 5 44.10 0.50 -8.39
CA SER B 5 43.90 -0.91 -8.02
C SER B 5 43.76 -1.20 -6.53
N GLU B 6 42.61 -0.79 -6.00
CA GLU B 6 42.21 -0.97 -4.60
C GLU B 6 40.93 -1.78 -4.68
N LEU B 7 40.91 -2.70 -5.64
CA LEU B 7 39.78 -3.57 -5.85
C LEU B 7 40.20 -5.01 -5.60
N THR B 8 39.25 -5.82 -5.18
CA THR B 8 39.52 -7.21 -4.94
C THR B 8 38.53 -7.92 -5.81
N PHE B 9 39.03 -8.65 -6.80
CA PHE B 9 38.19 -9.39 -7.73
C PHE B 9 37.86 -10.73 -7.13
N VAL B 10 36.60 -10.87 -6.73
CA VAL B 10 36.12 -12.08 -6.09
C VAL B 10 35.46 -13.10 -7.01
N GLN B 11 34.42 -12.66 -7.73
CA GLN B 11 33.71 -13.58 -8.61
C GLN B 11 33.17 -13.03 -9.92
N GLU B 12 33.31 -13.79 -11.00
CA GLU B 12 32.80 -13.38 -12.29
C GLU B 12 31.28 -13.51 -12.25
N ILE B 13 30.60 -12.39 -12.42
CA ILE B 13 29.15 -12.36 -12.32
C ILE B 13 28.38 -12.12 -13.62
N GLY B 14 29.13 -11.77 -14.66
CA GLY B 14 28.53 -11.52 -15.96
C GLY B 14 29.63 -11.42 -17.00
N SER B 15 29.29 -11.67 -18.26
CA SER B 15 30.21 -11.61 -19.40
C SER B 15 29.47 -11.00 -20.60
N GLY B 16 30.09 -11.03 -21.78
CA GLY B 16 29.42 -10.48 -22.95
C GLY B 16 30.15 -9.45 -23.82
N GLN B 17 30.79 -9.95 -24.88
CA GLN B 17 31.56 -9.17 -25.85
C GLN B 17 31.81 -7.67 -25.62
N PHE B 18 32.04 -7.27 -24.39
CA PHE B 18 32.32 -5.89 -24.06
C PHE B 18 33.13 -5.91 -22.80
N GLY B 19 33.14 -7.08 -22.18
CA GLY B 19 33.87 -7.30 -20.96
C GLY B 19 33.21 -8.24 -19.97
N LEU B 20 33.80 -8.34 -18.81
CA LEU B 20 33.26 -9.18 -17.76
C LEU B 20 32.86 -8.27 -16.63
N VAL B 21 32.13 -8.79 -15.67
CA VAL B 21 31.76 -8.02 -14.51
C VAL B 21 32.11 -9.01 -13.44
N HIS B 22 32.59 -8.51 -12.31
CA HIS B 22 32.98 -9.35 -11.19
C HIS B 22 32.42 -8.82 -9.90
N LEU B 23 32.48 -9.64 -8.88
CA LEU B 23 32.07 -9.25 -7.53
C LEU B 23 33.43 -8.85 -6.99
N GLY B 24 33.52 -7.65 -6.47
CA GLY B 24 34.78 -7.20 -5.94
C GLY B 24 34.47 -6.35 -4.75
N TYR B 25 35.51 -5.78 -4.17
CA TYR B 25 35.33 -4.93 -3.03
C TYR B 25 36.27 -3.81 -3.27
N TRP B 26 35.76 -2.60 -3.12
CA TRP B 26 36.59 -1.43 -3.28
C TRP B 26 37.07 -1.13 -1.87
N LEU B 27 38.37 -0.90 -1.73
CA LEU B 27 38.97 -0.60 -0.43
C LEU B 27 38.58 -1.71 0.55
N ASN B 28 38.28 -2.89 0.02
CA ASN B 28 37.89 -4.02 0.85
C ASN B 28 36.78 -3.61 1.81
N LYS B 29 36.10 -2.52 1.47
CA LYS B 29 35.02 -2.00 2.30
C LYS B 29 33.68 -2.07 1.58
N ASP B 30 33.65 -1.74 0.30
CA ASP B 30 32.38 -1.77 -0.39
C ASP B 30 32.18 -2.88 -1.42
N LYS B 31 31.01 -3.52 -1.35
CA LYS B 31 30.66 -4.59 -2.29
C LYS B 31 30.37 -3.89 -3.61
N VAL B 32 31.16 -4.20 -4.63
CA VAL B 32 31.01 -3.57 -5.94
C VAL B 32 30.99 -4.53 -7.13
N ALA B 33 30.56 -4.00 -8.28
CA ALA B 33 30.48 -4.80 -9.49
C ALA B 33 31.41 -4.19 -10.52
N ILE B 34 32.62 -4.72 -10.57
CA ILE B 34 33.64 -4.23 -11.49
C ILE B 34 33.36 -4.73 -12.87
N LYS B 35 33.27 -3.78 -13.80
CA LYS B 35 33.04 -4.12 -15.18
C LYS B 35 34.29 -3.85 -16.03
N THR B 36 35.00 -4.91 -16.41
CA THR B 36 36.21 -4.74 -17.23
C THR B 36 35.90 -4.82 -18.74
N ILE B 37 36.74 -4.18 -19.56
CA ILE B 37 36.58 -4.13 -21.02
C ILE B 37 36.97 -5.36 -21.86
N ARG B 38 38.01 -5.25 -22.67
CA ARG B 38 38.50 -6.32 -23.54
C ARG B 38 39.46 -5.62 -24.50
N GLU B 39 40.27 -6.38 -25.25
CA GLU B 39 41.25 -5.76 -26.16
C GLU B 39 40.76 -5.12 -27.45
N GLY B 40 39.57 -5.48 -27.92
CA GLY B 40 39.12 -4.88 -29.16
C GLY B 40 37.82 -4.14 -28.96
N ALA B 41 36.99 -4.70 -28.09
CA ALA B 41 35.69 -4.16 -27.74
C ALA B 41 35.52 -2.65 -27.80
N MET B 42 36.48 -1.89 -27.29
CA MET B 42 36.32 -0.45 -27.30
C MET B 42 37.61 0.35 -27.43
N SER B 43 37.44 1.63 -27.71
CA SER B 43 38.58 2.53 -27.86
C SER B 43 38.88 3.16 -26.51
N GLU B 44 40.15 3.40 -26.26
CA GLU B 44 40.61 4.02 -25.02
C GLU B 44 39.71 5.22 -24.74
N GLU B 45 39.60 6.10 -25.73
CA GLU B 45 38.78 7.29 -25.61
C GLU B 45 37.28 6.97 -25.62
N ASP B 46 36.88 5.99 -26.41
CA ASP B 46 35.46 5.62 -26.53
C ASP B 46 34.86 5.19 -25.19
N PHE B 47 35.63 4.48 -24.38
CA PHE B 47 35.17 4.05 -23.08
C PHE B 47 35.16 5.27 -22.16
N ILE B 48 36.24 6.05 -22.24
CA ILE B 48 36.39 7.25 -21.43
C ILE B 48 35.31 8.30 -21.72
N GLU B 49 34.62 8.14 -22.84
CA GLU B 49 33.57 9.08 -23.21
C GLU B 49 32.22 8.65 -22.63
N GLU B 50 32.02 7.34 -22.47
CA GLU B 50 30.76 6.83 -21.93
C GLU B 50 30.75 6.85 -20.41
N ALA B 51 31.83 6.36 -19.80
CA ALA B 51 31.90 6.35 -18.33
C ALA B 51 31.84 7.80 -17.90
N GLU B 52 32.23 8.67 -18.82
CA GLU B 52 32.25 10.10 -18.60
C GLU B 52 30.83 10.62 -18.46
N VAL B 53 29.95 10.15 -19.34
CA VAL B 53 28.56 10.54 -19.34
C VAL B 53 27.76 9.84 -18.25
N MET B 54 28.16 8.61 -17.94
CA MET B 54 27.50 7.83 -16.91
C MET B 54 27.66 8.55 -15.58
N MET B 55 28.77 9.26 -15.42
CA MET B 55 29.07 10.01 -14.20
C MET B 55 28.15 11.21 -14.11
N LYS B 56 27.75 11.70 -15.27
CA LYS B 56 26.86 12.84 -15.38
C LYS B 56 25.46 12.54 -14.81
N LEU B 57 24.91 11.38 -15.17
CA LEU B 57 23.58 10.98 -14.73
C LEU B 57 23.53 10.42 -13.33
N SER B 58 22.35 10.54 -12.71
CA SER B 58 22.16 10.08 -11.34
C SER B 58 20.69 10.12 -10.96
N HIS B 59 20.19 9.01 -10.47
CA HIS B 59 18.79 8.92 -10.06
C HIS B 59 18.68 7.65 -9.23
N PRO B 60 17.78 7.66 -8.23
CA PRO B 60 17.62 6.47 -7.40
C PRO B 60 17.33 5.16 -8.15
N LYS B 61 16.87 5.23 -9.39
CA LYS B 61 16.62 4.00 -10.15
C LYS B 61 17.67 3.71 -11.22
N LEU B 62 18.86 4.31 -11.07
CA LEU B 62 19.96 4.07 -12.00
C LEU B 62 21.15 3.56 -11.19
N VAL B 63 21.64 2.37 -11.56
CA VAL B 63 22.77 1.82 -10.86
C VAL B 63 23.88 2.86 -10.70
N GLN B 64 24.42 2.96 -9.49
CA GLN B 64 25.46 3.94 -9.24
C GLN B 64 26.88 3.47 -9.50
N LEU B 65 27.74 4.43 -9.81
CA LEU B 65 29.15 4.20 -10.09
C LEU B 65 29.99 4.68 -8.91
N TYR B 66 31.05 3.95 -8.57
CA TYR B 66 31.95 4.35 -7.49
C TYR B 66 33.14 5.05 -8.09
N GLY B 67 33.62 4.51 -9.21
CA GLY B 67 34.74 5.11 -9.90
C GLY B 67 35.05 4.34 -11.16
N VAL B 68 36.15 4.71 -11.80
CA VAL B 68 36.64 4.09 -13.03
C VAL B 68 38.12 3.80 -12.90
N CYS B 69 38.63 2.82 -13.63
CA CYS B 69 40.05 2.51 -13.60
C CYS B 69 40.60 2.67 -15.01
N LEU B 70 41.32 3.74 -15.25
CA LEU B 70 41.89 3.99 -16.56
C LEU B 70 43.41 3.90 -16.54
N GLU B 71 43.95 3.62 -15.35
CA GLU B 71 45.40 3.48 -15.16
C GLU B 71 45.92 2.33 -16.01
N GLN B 72 45.01 1.69 -16.72
CA GLN B 72 45.30 0.59 -17.65
C GLN B 72 45.10 -0.84 -17.17
N ALA B 73 45.37 -1.77 -18.09
CA ALA B 73 45.17 -3.21 -17.91
C ALA B 73 43.70 -3.18 -18.29
N PRO B 74 42.91 -4.23 -17.96
CA PRO B 74 41.53 -4.02 -18.40
C PRO B 74 40.95 -2.74 -17.80
N ILE B 75 40.77 -1.73 -18.62
CA ILE B 75 40.19 -0.48 -18.16
C ILE B 75 38.87 -0.97 -17.58
N CYS B 76 38.48 -0.45 -16.41
CA CYS B 76 37.24 -0.91 -15.83
C CYS B 76 36.40 0.13 -15.10
N LEU B 77 35.14 -0.23 -14.92
CA LEU B 77 34.18 0.64 -14.26
C LEU B 77 33.70 0.00 -12.98
N VAL B 78 33.61 0.80 -11.92
CA VAL B 78 33.18 0.27 -10.64
C VAL B 78 31.81 0.73 -10.17
N PHE B 79 30.84 -0.16 -10.27
CA PHE B 79 29.49 0.13 -9.86
C PHE B 79 29.17 -0.46 -8.52
N GLU B 80 28.17 0.14 -7.88
CA GLU B 80 27.66 -0.34 -6.61
C GLU B 80 27.16 -1.76 -6.90
N PHE B 81 27.09 -2.60 -5.87
CA PHE B 81 26.62 -3.96 -6.08
C PHE B 81 25.13 -4.13 -5.76
N MET B 82 24.40 -4.65 -6.72
CA MET B 82 22.98 -4.90 -6.55
C MET B 82 22.82 -6.35 -6.09
N GLU B 83 22.70 -6.51 -4.77
CA GLU B 83 22.59 -7.80 -4.12
C GLU B 83 21.51 -8.77 -4.60
N HIS B 84 20.98 -8.57 -5.81
CA HIS B 84 19.97 -9.49 -6.31
C HIS B 84 20.02 -9.80 -7.82
N GLY B 85 21.09 -9.35 -8.47
CA GLY B 85 21.27 -9.62 -9.89
C GLY B 85 20.28 -8.96 -10.82
N CYS B 86 20.27 -9.40 -12.08
CA CYS B 86 19.35 -8.80 -13.03
C CYS B 86 17.91 -9.21 -12.80
N LEU B 87 17.02 -8.36 -13.29
CA LEU B 87 15.58 -8.58 -13.18
C LEU B 87 15.22 -9.84 -13.96
N SER B 88 15.96 -10.06 -15.04
CA SER B 88 15.81 -11.21 -15.92
C SER B 88 15.89 -12.49 -15.11
N ASP B 89 17.08 -12.74 -14.58
CA ASP B 89 17.37 -13.93 -13.79
C ASP B 89 16.61 -13.98 -12.46
N TYR B 90 16.24 -12.80 -11.98
CA TYR B 90 15.54 -12.68 -10.72
C TYR B 90 14.05 -13.07 -10.84
N LEU B 91 13.49 -12.89 -12.02
CA LEU B 91 12.09 -13.22 -12.25
C LEU B 91 11.88 -14.71 -12.46
N ARG B 92 12.79 -15.35 -13.19
CA ARG B 92 12.68 -16.78 -13.47
C ARG B 92 12.65 -17.55 -12.16
N THR B 93 13.71 -17.46 -11.38
CA THR B 93 13.73 -18.11 -10.08
C THR B 93 12.75 -17.20 -9.36
N GLN B 94 12.00 -17.71 -8.39
CA GLN B 94 11.01 -16.86 -7.69
C GLN B 94 9.71 -16.73 -8.46
N ARG B 95 9.56 -17.50 -9.53
CA ARG B 95 8.33 -17.43 -10.29
C ARG B 95 7.17 -17.69 -9.37
N GLY B 96 5.96 -17.53 -9.88
CA GLY B 96 4.76 -17.76 -9.10
C GLY B 96 4.77 -17.23 -7.68
N LEU B 97 5.74 -16.39 -7.33
CA LEU B 97 5.80 -15.84 -5.99
C LEU B 97 5.59 -14.35 -6.02
N PHE B 98 5.09 -13.85 -7.14
CA PHE B 98 4.87 -12.42 -7.24
C PHE B 98 3.41 -12.09 -7.27
N ALA B 99 3.11 -10.90 -6.79
CA ALA B 99 1.75 -10.37 -6.78
C ALA B 99 1.82 -9.26 -7.83
N ALA B 100 0.84 -9.17 -8.71
CA ALA B 100 0.82 -8.12 -9.72
C ALA B 100 1.27 -6.78 -9.13
N GLU B 101 0.84 -6.50 -7.90
CA GLU B 101 1.17 -5.26 -7.20
C GLU B 101 2.66 -5.10 -6.93
N THR B 102 3.44 -6.05 -7.40
CA THR B 102 4.88 -5.99 -7.19
C THR B 102 5.54 -5.89 -8.54
N LEU B 103 5.09 -6.74 -9.46
CA LEU B 103 5.65 -6.74 -10.79
C LEU B 103 5.44 -5.33 -11.32
N LEU B 104 4.35 -4.70 -10.92
CA LEU B 104 4.06 -3.36 -11.38
C LEU B 104 4.98 -2.32 -10.70
N GLY B 105 5.38 -2.56 -9.46
CA GLY B 105 6.27 -1.61 -8.81
C GLY B 105 7.59 -1.63 -9.56
N MET B 106 7.94 -2.82 -10.06
CA MET B 106 9.16 -3.02 -10.80
C MET B 106 9.15 -2.24 -12.10
N CYS B 107 8.01 -2.27 -12.79
CA CYS B 107 7.91 -1.57 -14.05
C CYS B 107 8.08 -0.08 -13.78
N LEU B 108 7.42 0.43 -12.74
CA LEU B 108 7.50 1.84 -12.37
C LEU B 108 8.92 2.33 -12.04
N ASP B 109 9.73 1.47 -11.40
CA ASP B 109 11.10 1.83 -11.07
C ASP B 109 11.87 1.99 -12.37
N VAL B 110 11.74 1.03 -13.28
CA VAL B 110 12.42 1.12 -14.56
C VAL B 110 11.90 2.40 -15.21
N CYS B 111 10.59 2.57 -15.24
CA CYS B 111 9.98 3.75 -15.84
C CYS B 111 10.47 5.06 -15.21
N GLU B 112 10.69 5.03 -13.90
CA GLU B 112 11.17 6.21 -13.21
C GLU B 112 12.59 6.49 -13.70
N GLY B 113 13.33 5.42 -13.92
CA GLY B 113 14.69 5.53 -14.40
C GLY B 113 14.73 6.01 -15.84
N MET B 114 13.94 5.38 -16.70
CA MET B 114 13.89 5.78 -18.10
C MET B 114 13.43 7.23 -18.25
N ALA B 115 12.46 7.65 -17.46
CA ALA B 115 11.96 9.02 -17.52
C ALA B 115 13.12 9.98 -17.27
N TYR B 116 13.93 9.68 -16.27
CA TYR B 116 15.07 10.52 -15.95
C TYR B 116 16.07 10.50 -17.13
N LEU B 117 16.28 9.34 -17.74
CA LEU B 117 17.20 9.26 -18.86
C LEU B 117 16.62 10.00 -20.06
N GLU B 118 15.34 9.79 -20.30
CA GLU B 118 14.65 10.42 -21.41
C GLU B 118 14.85 11.93 -21.33
N GLU B 119 14.65 12.48 -20.14
CA GLU B 119 14.79 13.92 -19.91
C GLU B 119 16.21 14.43 -20.14
N ALA B 120 17.20 13.59 -19.87
CA ALA B 120 18.59 13.97 -20.07
C ALA B 120 18.92 13.76 -21.55
N CYS B 121 17.96 13.17 -22.27
CA CYS B 121 18.11 12.90 -23.69
C CYS B 121 19.25 11.92 -23.84
N VAL B 122 19.12 10.86 -23.05
CA VAL B 122 20.06 9.78 -23.02
C VAL B 122 19.26 8.58 -23.48
N ILE B 123 19.55 8.09 -24.67
CA ILE B 123 18.85 6.95 -25.22
C ILE B 123 19.55 5.66 -24.79
N HIS B 124 18.81 4.81 -24.08
CA HIS B 124 19.34 3.54 -23.64
C HIS B 124 19.09 2.61 -24.82
N ARG B 125 20.11 2.43 -25.65
CA ARG B 125 19.94 1.61 -26.84
C ARG B 125 19.76 0.12 -26.63
N ASP B 126 19.32 -0.29 -25.45
CA ASP B 126 19.13 -1.73 -25.22
C ASP B 126 18.50 -2.09 -23.87
N LEU B 127 17.31 -1.54 -23.61
CA LEU B 127 16.61 -1.81 -22.38
C LEU B 127 15.83 -3.13 -22.45
N ALA B 128 16.12 -4.00 -21.48
CA ALA B 128 15.50 -5.31 -21.36
C ALA B 128 15.68 -5.78 -19.90
N ALA B 129 14.81 -6.65 -19.42
CA ALA B 129 14.93 -7.14 -18.05
C ALA B 129 16.39 -7.50 -17.74
N ARG B 130 17.03 -8.14 -18.71
CA ARG B 130 18.41 -8.58 -18.60
C ARG B 130 19.38 -7.48 -18.17
N ASN B 131 19.01 -6.22 -18.39
CA ASN B 131 19.87 -5.10 -18.04
C ASN B 131 19.40 -4.25 -16.87
N CYS B 132 18.43 -4.76 -16.13
CA CYS B 132 17.96 -4.06 -14.95
C CYS B 132 18.43 -4.93 -13.81
N LEU B 133 18.77 -4.31 -12.70
CA LEU B 133 19.26 -5.03 -11.54
C LEU B 133 18.32 -4.85 -10.36
N VAL B 134 18.09 -5.93 -9.63
CA VAL B 134 17.22 -5.90 -8.47
C VAL B 134 18.11 -5.76 -7.23
N GLY B 135 17.75 -4.85 -6.34
CA GLY B 135 18.60 -4.72 -5.18
C GLY B 135 17.95 -4.66 -3.84
N GLU B 136 18.41 -3.68 -3.05
CA GLU B 136 17.95 -3.39 -1.71
C GLU B 136 16.43 -3.57 -1.58
N ASN B 137 16.01 -4.83 -1.56
CA ASN B 137 14.62 -5.26 -1.46
C ASN B 137 13.63 -4.92 -2.57
N GLN B 138 13.73 -5.66 -3.67
CA GLN B 138 12.85 -5.51 -4.83
C GLN B 138 12.91 -4.17 -5.56
N VAL B 139 13.88 -3.32 -5.20
CA VAL B 139 14.03 -2.05 -5.87
C VAL B 139 14.76 -2.36 -7.16
N ILE B 140 14.22 -1.94 -8.29
CA ILE B 140 14.86 -2.21 -9.57
C ILE B 140 15.62 -0.97 -10.02
N LYS B 141 16.76 -1.18 -10.66
CA LYS B 141 17.55 -0.06 -11.16
C LYS B 141 17.99 -0.38 -12.59
N VAL B 142 18.05 0.64 -13.44
CA VAL B 142 18.48 0.45 -14.82
C VAL B 142 19.99 0.57 -14.83
N SER B 143 20.64 -0.32 -15.56
CA SER B 143 22.08 -0.32 -15.67
C SER B 143 22.40 -0.51 -17.14
N ASP B 144 23.63 -0.92 -17.42
CA ASP B 144 24.08 -1.16 -18.79
C ASP B 144 23.72 -0.03 -19.73
N PHE B 145 23.72 1.20 -19.20
CA PHE B 145 23.38 2.37 -20.02
C PHE B 145 24.58 3.27 -20.22
N PRO B 165 19.75 -7.38 -30.37
CA PRO B 165 18.54 -7.73 -29.64
C PRO B 165 17.27 -7.38 -30.41
N VAL B 166 17.10 -7.99 -31.58
CA VAL B 166 15.93 -7.74 -32.42
C VAL B 166 14.61 -7.83 -31.67
N LYS B 167 14.59 -8.63 -30.60
CA LYS B 167 13.38 -8.84 -29.80
C LYS B 167 12.92 -7.62 -28.99
N TRP B 168 13.88 -6.80 -28.57
CA TRP B 168 13.58 -5.62 -27.78
C TRP B 168 13.64 -4.37 -28.61
N ALA B 169 13.84 -4.52 -29.91
CA ALA B 169 13.93 -3.37 -30.80
C ALA B 169 12.61 -2.95 -31.41
N SER B 170 12.43 -1.64 -31.55
CA SER B 170 11.22 -1.11 -32.18
C SER B 170 11.43 -1.29 -33.67
N PRO B 171 10.35 -1.22 -34.45
CA PRO B 171 10.55 -1.38 -35.90
C PRO B 171 11.57 -0.42 -36.52
N GLU B 172 11.55 0.83 -36.11
CA GLU B 172 12.47 1.81 -36.67
C GLU B 172 13.93 1.42 -36.43
N VAL B 173 14.18 0.62 -35.39
CA VAL B 173 15.52 0.16 -35.11
C VAL B 173 15.82 -1.05 -36.01
N PHE B 174 14.93 -2.06 -36.03
CA PHE B 174 15.07 -3.29 -36.85
C PHE B 174 15.72 -2.96 -38.17
N SER B 175 14.92 -2.21 -38.93
CA SER B 175 15.21 -1.79 -40.27
C SER B 175 16.02 -0.53 -40.51
N PHE B 176 15.92 0.49 -39.65
CA PHE B 176 16.68 1.72 -39.88
C PHE B 176 17.55 2.16 -38.71
N SER B 177 17.92 1.24 -37.84
CA SER B 177 18.74 1.56 -36.66
C SER B 177 18.52 3.01 -36.24
N ARG B 178 17.25 3.37 -36.06
CA ARG B 178 16.83 4.72 -35.67
C ARG B 178 16.44 4.80 -34.20
N TYR B 179 17.43 5.04 -33.36
CA TYR B 179 17.19 5.13 -31.95
C TYR B 179 16.66 6.50 -31.60
N SER B 180 15.77 6.53 -30.62
CA SER B 180 15.14 7.73 -30.11
C SER B 180 14.63 7.23 -28.79
N SER B 181 14.21 8.12 -27.91
CA SER B 181 13.71 7.66 -26.62
C SER B 181 12.52 6.73 -26.83
N LYS B 182 11.77 6.97 -27.90
CA LYS B 182 10.62 6.14 -28.23
C LYS B 182 11.00 4.68 -28.51
N SER B 183 12.23 4.44 -28.98
CA SER B 183 12.68 3.07 -29.24
C SER B 183 12.72 2.37 -27.89
N ASP B 184 13.23 3.11 -26.91
CA ASP B 184 13.34 2.63 -25.54
C ASP B 184 11.98 2.32 -25.00
N VAL B 185 10.99 3.15 -25.33
CA VAL B 185 9.63 2.90 -24.87
C VAL B 185 9.13 1.59 -25.45
N TRP B 186 9.43 1.34 -26.72
CA TRP B 186 9.03 0.08 -27.34
C TRP B 186 9.72 -1.00 -26.53
N SER B 187 11.04 -0.86 -26.35
CA SER B 187 11.80 -1.82 -25.54
C SER B 187 11.14 -1.98 -24.16
N PHE B 188 10.71 -0.87 -23.56
CA PHE B 188 10.09 -0.90 -22.25
C PHE B 188 8.84 -1.77 -22.32
N GLY B 189 8.20 -1.76 -23.48
CA GLY B 189 7.00 -2.55 -23.69
C GLY B 189 7.32 -4.01 -23.58
N VAL B 190 8.44 -4.41 -24.19
CA VAL B 190 8.89 -5.79 -24.14
C VAL B 190 9.34 -6.13 -22.71
N LEU B 191 10.08 -5.21 -22.09
CA LEU B 191 10.56 -5.38 -20.72
C LEU B 191 9.38 -5.52 -19.74
N MET B 192 8.28 -4.85 -20.03
CA MET B 192 7.09 -4.92 -19.18
C MET B 192 6.46 -6.30 -19.32
N TRP B 193 6.54 -6.86 -20.52
CA TRP B 193 5.99 -8.18 -20.78
C TRP B 193 6.83 -9.21 -20.00
N GLU B 194 8.16 -9.14 -20.13
CA GLU B 194 9.04 -10.07 -19.41
C GLU B 194 8.82 -9.93 -17.91
N VAL B 195 8.45 -8.74 -17.47
CA VAL B 195 8.24 -8.57 -16.06
C VAL B 195 6.95 -9.26 -15.64
N PHE B 196 5.84 -8.98 -16.33
CA PHE B 196 4.61 -9.64 -15.94
C PHE B 196 4.53 -11.13 -16.31
N SER B 197 5.36 -11.58 -17.24
CA SER B 197 5.36 -12.98 -17.64
C SER B 197 6.28 -13.72 -16.68
N GLU B 198 6.83 -12.98 -15.72
CA GLU B 198 7.73 -13.53 -14.70
C GLU B 198 9.02 -14.08 -15.29
N GLY B 199 9.60 -13.30 -16.21
CA GLY B 199 10.85 -13.71 -16.82
C GLY B 199 10.76 -14.73 -17.94
N LYS B 200 9.84 -14.54 -18.87
CA LYS B 200 9.77 -15.47 -19.98
C LYS B 200 10.51 -14.86 -21.14
N ILE B 201 10.86 -15.68 -22.12
CA ILE B 201 11.56 -15.15 -23.27
C ILE B 201 10.53 -14.76 -24.33
N PRO B 202 10.53 -13.48 -24.76
CA PRO B 202 9.60 -13.02 -25.78
C PRO B 202 10.05 -13.54 -27.16
N TYR B 203 9.10 -14.00 -27.96
CA TYR B 203 9.39 -14.56 -29.28
C TYR B 203 10.41 -15.67 -29.16
N GLU B 204 10.17 -16.58 -28.22
CA GLU B 204 11.07 -17.69 -27.98
C GLU B 204 11.26 -18.57 -29.23
N ASN B 205 10.21 -19.28 -29.63
CA ASN B 205 10.25 -20.16 -30.81
C ASN B 205 10.35 -19.32 -32.09
N ARG B 206 11.21 -18.31 -32.08
CA ARG B 206 11.33 -17.42 -33.23
C ARG B 206 12.72 -16.92 -33.60
N SER B 207 12.90 -16.71 -34.90
CA SER B 207 14.14 -16.22 -35.47
C SER B 207 14.08 -14.69 -35.60
N ASN B 208 15.20 -14.05 -35.92
CA ASN B 208 15.19 -12.59 -36.04
C ASN B 208 14.46 -12.10 -37.29
N SER B 209 14.62 -12.84 -38.38
CA SER B 209 13.96 -12.49 -39.62
C SER B 209 12.51 -12.99 -39.54
N GLU B 210 12.16 -13.58 -38.40
CA GLU B 210 10.83 -14.09 -38.19
C GLU B 210 10.11 -13.07 -37.30
N VAL B 211 10.79 -12.64 -36.25
CA VAL B 211 10.22 -11.65 -35.33
C VAL B 211 10.02 -10.35 -36.11
N VAL B 212 11.02 -9.99 -36.90
CA VAL B 212 10.93 -8.79 -37.71
C VAL B 212 9.69 -8.89 -38.61
N GLU B 213 9.38 -10.10 -39.06
CA GLU B 213 8.22 -10.34 -39.90
C GLU B 213 6.92 -10.22 -39.13
N ASP B 214 6.79 -11.03 -38.09
CA ASP B 214 5.59 -11.04 -37.29
C ASP B 214 5.17 -9.68 -36.76
N ILE B 215 6.11 -8.92 -36.21
CA ILE B 215 5.82 -7.62 -35.64
C ILE B 215 5.41 -6.62 -36.70
N SER B 216 6.01 -6.74 -37.87
CA SER B 216 5.69 -5.82 -38.97
C SER B 216 4.27 -6.00 -39.48
N THR B 217 3.75 -7.23 -39.43
CA THR B 217 2.39 -7.49 -39.88
C THR B 217 1.40 -7.05 -38.81
N GLY B 218 1.90 -6.76 -37.61
CA GLY B 218 1.03 -6.30 -36.53
C GLY B 218 1.03 -7.19 -35.30
N PHE B 219 1.78 -8.28 -35.35
CA PHE B 219 1.86 -9.21 -34.22
C PHE B 219 2.40 -8.52 -32.98
N ARG B 220 1.88 -8.93 -31.83
CA ARG B 220 2.29 -8.38 -30.54
C ARG B 220 2.32 -9.53 -29.56
N LEU B 221 3.24 -9.46 -28.59
CA LEU B 221 3.36 -10.49 -27.56
C LEU B 221 2.04 -10.57 -26.78
N TYR B 222 1.59 -11.80 -26.55
CA TYR B 222 0.35 -12.08 -25.81
C TYR B 222 0.40 -11.50 -24.38
N LYS B 223 -0.78 -11.26 -23.82
CA LYS B 223 -0.86 -10.76 -22.47
C LYS B 223 -0.62 -11.93 -21.56
N PRO B 224 0.27 -11.76 -20.58
CA PRO B 224 0.57 -12.84 -19.63
C PRO B 224 -0.52 -12.85 -18.57
N ARG B 225 -0.76 -14.00 -17.97
CA ARG B 225 -1.80 -14.17 -16.96
C ARG B 225 -1.79 -13.10 -15.88
N LEU B 226 -0.58 -12.76 -15.41
CA LEU B 226 -0.43 -11.77 -14.37
C LEU B 226 -0.67 -10.32 -14.79
N ALA B 227 -1.02 -10.11 -16.05
CA ALA B 227 -1.27 -8.76 -16.54
C ALA B 227 -2.74 -8.50 -16.66
N SER B 228 -3.17 -7.41 -16.04
CA SER B 228 -4.56 -7.01 -16.10
C SER B 228 -4.73 -6.47 -17.52
N THR B 229 -5.97 -6.17 -17.90
CA THR B 229 -6.22 -5.66 -19.22
C THR B 229 -5.65 -4.24 -19.38
N HIS B 230 -5.63 -3.46 -18.30
CA HIS B 230 -5.06 -2.12 -18.41
C HIS B 230 -3.54 -2.20 -18.57
N VAL B 231 -2.91 -3.16 -17.89
CA VAL B 231 -1.47 -3.33 -18.05
C VAL B 231 -1.15 -3.62 -19.52
N TYR B 232 -1.93 -4.50 -20.15
CA TYR B 232 -1.70 -4.82 -21.55
C TYR B 232 -1.89 -3.61 -22.47
N GLN B 233 -2.82 -2.73 -22.10
CA GLN B 233 -3.08 -1.53 -22.89
C GLN B 233 -1.85 -0.64 -22.99
N ILE B 234 -1.24 -0.40 -21.83
CA ILE B 234 -0.03 0.42 -21.75
C ILE B 234 1.07 -0.24 -22.60
N MET B 235 1.12 -1.57 -22.57
CA MET B 235 2.09 -2.36 -23.33
C MET B 235 1.89 -2.15 -24.82
N ASN B 236 0.63 -2.18 -25.25
CA ASN B 236 0.35 -2.00 -26.64
C ASN B 236 0.51 -0.58 -27.11
N HIS B 237 0.54 0.37 -26.18
CA HIS B 237 0.76 1.77 -26.58
C HIS B 237 2.26 1.89 -26.79
N CYS B 238 3.02 1.08 -26.05
CA CYS B 238 4.47 1.06 -26.18
C CYS B 238 4.81 0.36 -27.48
N TRP B 239 3.87 -0.46 -27.97
CA TRP B 239 4.11 -1.19 -29.21
C TRP B 239 3.47 -0.59 -30.46
N LYS B 240 3.00 0.65 -30.38
CA LYS B 240 2.41 1.25 -31.57
C LYS B 240 3.47 1.17 -32.68
N GLU B 241 3.04 1.20 -33.93
CA GLU B 241 4.00 1.12 -35.01
C GLU B 241 4.83 2.39 -35.07
N ARG B 242 4.16 3.55 -35.05
CA ARG B 242 4.84 4.84 -35.12
C ARG B 242 5.37 5.31 -33.78
N PRO B 243 6.66 5.66 -33.72
CA PRO B 243 7.29 6.14 -32.48
C PRO B 243 6.55 7.34 -31.90
N GLU B 244 6.04 8.19 -32.77
CA GLU B 244 5.30 9.37 -32.34
C GLU B 244 4.00 9.02 -31.64
N ASP B 245 3.55 7.78 -31.79
CA ASP B 245 2.30 7.37 -31.16
C ASP B 245 2.49 6.62 -29.84
N ARG B 246 3.75 6.41 -29.47
CA ARG B 246 4.03 5.74 -28.22
C ARG B 246 4.12 6.86 -27.20
N PRO B 247 3.70 6.59 -25.97
CA PRO B 247 3.75 7.62 -24.92
C PRO B 247 5.20 7.87 -24.54
N ALA B 248 5.49 9.04 -23.99
CA ALA B 248 6.84 9.37 -23.54
C ALA B 248 6.96 8.69 -22.17
N PHE B 249 8.17 8.33 -21.75
CA PHE B 249 8.36 7.68 -20.45
C PHE B 249 7.71 8.47 -19.31
N SER B 250 7.80 9.78 -19.39
CA SER B 250 7.19 10.62 -18.38
C SER B 250 5.68 10.37 -18.30
N ARG B 251 5.03 10.22 -19.45
CA ARG B 251 3.59 9.99 -19.52
C ARG B 251 3.30 8.58 -19.01
N LEU B 252 4.19 7.66 -19.33
CA LEU B 252 4.06 6.29 -18.91
C LEU B 252 4.06 6.24 -17.38
N LEU B 253 4.92 7.06 -16.77
CA LEU B 253 4.98 7.12 -15.31
C LEU B 253 3.58 7.30 -14.75
N ARG B 254 2.92 8.38 -15.15
CA ARG B 254 1.56 8.67 -14.69
C ARG B 254 0.58 7.56 -15.00
N GLN B 255 0.68 6.97 -16.21
CA GLN B 255 -0.23 5.89 -16.58
C GLN B 255 -0.04 4.66 -15.69
N LEU B 256 1.20 4.24 -15.48
CA LEU B 256 1.47 3.10 -14.60
C LEU B 256 1.08 3.50 -13.16
N ALA B 257 1.18 4.79 -12.83
CA ALA B 257 0.81 5.28 -11.50
C ALA B 257 -0.69 5.11 -11.26
N GLU B 258 -1.50 5.44 -12.27
CA GLU B 258 -2.95 5.29 -12.18
C GLU B 258 -3.25 3.79 -12.10
N ILE B 259 -2.61 3.02 -12.97
CA ILE B 259 -2.76 1.58 -12.97
C ILE B 259 -1.93 1.14 -11.78
N ALA B 260 -2.45 1.36 -10.58
CA ALA B 260 -1.73 1.00 -9.37
C ALA B 260 -2.68 1.35 -8.25
N GLU B 261 -3.68 2.14 -8.63
CA GLU B 261 -4.73 2.56 -7.73
C GLU B 261 -6.08 2.20 -8.36
O4 STU C . -24.42 9.61 24.56
C25 STU C . -23.96 10.67 23.57
C24 STU C . -23.62 10.02 22.15
C23 STU C . -24.17 8.55 22.02
C22 STU C . -23.46 7.62 23.10
C21 STU C . -23.83 8.25 24.57
C26 STU C . -24.99 7.38 25.09
N2 STU C . -22.54 8.30 25.38
C18 STU C . -21.59 9.37 25.42
C19 STU C . -21.64 10.77 24.81
C6 STU C . -20.50 11.63 25.04
C7 STU C . -19.43 11.24 25.83
C10 STU C . -19.37 9.98 26.41
C11 STU C . -20.44 8.99 26.26
C12 STU C . -20.72 7.72 26.65
C17 STU C . -21.97 7.29 26.15
C16 STU C . -22.41 5.97 26.46
C15 STU C . -21.61 5.08 27.28
C14 STU C . -20.34 5.56 27.78
C13 STU C . -19.90 6.89 27.46
C9 STU C . -18.09 9.84 27.19
N1 STU C . -17.46 11.16 26.92
C8 STU C . -18.26 11.95 26.14
O5 STU C . -18.01 13.08 25.75
C5 STU C . -20.92 12.79 24.38
C20 STU C . -22.23 12.60 23.74
C1 STU C . -22.88 13.66 23.05
C2 STU C . -22.18 14.93 22.98
C3 STU C . -20.88 15.12 23.60
C4 STU C . -20.23 14.07 24.29
N3 STU C . -22.69 11.30 24.02
O6 STU C . -21.99 7.70 22.87
C27 STU C . -21.12 6.54 22.77
N4 STU C . -23.92 8.04 20.67
C28 STU C . -24.98 8.28 19.65
O4 STU D . 26.16 -8.92 -15.44
C25 STU D . 25.27 -9.53 -14.52
C24 STU D . 23.94 -9.79 -15.24
C23 STU D . 23.85 -9.22 -16.69
C22 STU D . 24.33 -7.76 -16.70
C21 STU D . 25.83 -7.75 -16.15
C26 STU D . 26.78 -7.98 -17.31
N2 STU D . 26.05 -6.48 -15.32
C18 STU D . 25.91 -6.33 -13.95
C19 STU D . 25.52 -7.39 -12.97
C6 STU D . 25.44 -7.00 -11.59
C7 STU D . 25.68 -5.67 -11.17
C10 STU D . 26.04 -4.66 -12.08
C11 STU D . 26.17 -4.96 -13.52
C12 STU D . 26.47 -4.30 -14.67
C17 STU D . 26.42 -5.18 -15.75
C16 STU D . 26.70 -4.65 -17.07
C15 STU D . 27.04 -3.26 -17.21
C14 STU D . 27.11 -2.36 -16.09
C13 STU D . 26.82 -2.90 -14.80
C9 STU D . 26.23 -3.33 -11.38
N1 STU D . 25.90 -3.77 -9.99
C8 STU D . 25.61 -5.12 -9.86
O5 STU D . 25.35 -5.75 -8.85
C5 STU D . 25.07 -8.22 -11.01
C20 STU D . 24.95 -9.27 -12.00
C1 STU D . 24.57 -10.61 -11.65
C2 STU D . 24.32 -10.92 -10.29
C3 STU D . 24.45 -9.88 -9.29
C4 STU D . 24.82 -8.52 -9.64
N3 STU D . 25.25 -8.72 -13.28
O6 STU D . 23.42 -7.03 -15.85
C27 STU D . 22.86 -5.91 -16.53
N4 STU D . 22.47 -9.23 -17.17
C28 STU D . 21.80 -10.52 -17.23
#